data_2CBL
#
_entry.id   2CBL
#
_cell.length_a   123.380
_cell.length_b   123.380
_cell.length_c   56.390
_cell.angle_alpha   90.00
_cell.angle_beta   90.00
_cell.angle_gamma   120.00
#
_symmetry.space_group_name_H-M   'P 6'
#
loop_
_entity.id
_entity.type
_entity.pdbx_description
1 polymer 'PROTO-ONCOGENE CBL'
2 polymer ZAP-70
3 non-polymer 'CALCIUM ION'
4 water water
#
loop_
_entity_poly.entity_id
_entity_poly.type
_entity_poly.pdbx_seq_one_letter_code
_entity_poly.pdbx_strand_id
1 'polypeptide(L)'
;PPGTVDKKMVEKCWKLMDKVVRLCQNPKLALKNSPPYILDLLPDTYQHLRTILSRYEGKMETLGENEYFRVFMENLMKKT
KQTISLFKEGKERMYEENSQPRRNLTKLSLIFSHMLAELKGIFPSGLFQGDTFRITKADAAEFWRKAFGEKTIVPWKSFR
QALHEVHPISSGLEAMALKSTIDLTCNDYISVFEFDIFTRLFQPWSSLLRNWNSLAVTHPGYMAFLTYDEVKARLQKFIH
KPGSYIFRLSCTRLGQWAIGYVTADGNILQTIPHNKPLFQALIDGFREGFYLFPDGRNQNPDLTG
;
A
2 'polypeptide(L)' TLNSDG(PTR)TPEPA B
#
loop_
_chem_comp.id
_chem_comp.type
_chem_comp.name
_chem_comp.formula
CA non-polymer 'CALCIUM ION' 'Ca 2'
#
# COMPACT_ATOMS: atom_id res chain seq x y z
N PRO A 1 3.86 -7.11 -22.31
CA PRO A 1 4.36 -7.25 -20.91
C PRO A 1 5.61 -8.14 -20.85
N PRO A 2 6.11 -8.40 -19.64
CA PRO A 2 7.25 -9.26 -19.41
C PRO A 2 7.03 -10.63 -20.07
N GLY A 3 8.00 -11.52 -19.93
CA GLY A 3 7.94 -12.83 -20.51
C GLY A 3 6.93 -13.77 -19.86
N THR A 4 6.67 -14.87 -20.55
CA THR A 4 5.77 -15.92 -20.09
C THR A 4 6.32 -16.62 -18.86
N VAL A 5 5.43 -17.06 -17.97
CA VAL A 5 5.88 -17.62 -16.71
C VAL A 5 5.92 -19.13 -16.77
N ASP A 6 7.13 -19.69 -16.79
CA ASP A 6 7.28 -21.14 -16.78
C ASP A 6 7.76 -21.65 -15.41
N LYS A 7 7.92 -22.98 -15.34
CA LYS A 7 8.39 -23.61 -14.12
C LYS A 7 9.78 -23.14 -13.70
N LYS A 8 10.67 -22.97 -14.68
CA LYS A 8 12.01 -22.51 -14.36
C LYS A 8 11.99 -21.20 -13.59
N MET A 9 11.12 -20.27 -13.96
CA MET A 9 11.09 -18.97 -13.33
C MET A 9 10.42 -18.98 -11.97
N VAL A 10 9.45 -19.85 -11.73
CA VAL A 10 8.84 -19.95 -10.43
C VAL A 10 9.82 -20.55 -9.42
N GLU A 11 10.66 -21.47 -9.85
CA GLU A 11 11.61 -22.12 -8.93
C GLU A 11 12.82 -21.24 -8.70
N LYS A 12 13.00 -20.25 -9.59
CA LYS A 12 14.05 -19.27 -9.35
C LYS A 12 13.55 -18.29 -8.27
N CYS A 13 12.32 -17.84 -8.47
CA CYS A 13 11.69 -16.87 -7.60
C CYS A 13 11.62 -17.36 -6.17
N TRP A 14 11.23 -18.61 -5.96
CA TRP A 14 11.16 -19.19 -4.63
C TRP A 14 12.55 -19.19 -3.99
N LYS A 15 13.57 -19.51 -4.74
CA LYS A 15 14.94 -19.53 -4.27
C LYS A 15 15.42 -18.12 -3.88
N LEU A 16 14.94 -17.13 -4.61
CA LEU A 16 15.23 -15.74 -4.22
C LEU A 16 14.50 -15.40 -2.92
N MET A 17 13.24 -15.77 -2.84
CA MET A 17 12.40 -15.50 -1.67
C MET A 17 12.95 -16.15 -0.42
N ASP A 18 13.47 -17.37 -0.57
CA ASP A 18 14.06 -18.05 0.58
C ASP A 18 15.36 -17.40 0.99
N LYS A 19 16.06 -16.73 0.06
CA LYS A 19 17.25 -15.98 0.44
C LYS A 19 16.86 -14.77 1.27
N VAL A 20 15.89 -13.99 0.82
CA VAL A 20 15.39 -12.87 1.62
C VAL A 20 14.94 -13.32 3.01
N VAL A 21 14.33 -14.49 3.13
CA VAL A 21 13.91 -15.04 4.42
C VAL A 21 15.10 -15.25 5.33
N ARG A 22 16.16 -15.89 4.83
CA ARG A 22 17.34 -16.12 5.66
C ARG A 22 17.95 -14.80 6.11
N LEU A 23 18.10 -13.85 5.20
CA LEU A 23 18.64 -12.53 5.55
C LEU A 23 17.81 -11.93 6.70
N CYS A 24 16.48 -12.09 6.64
CA CYS A 24 15.57 -11.42 7.52
C CYS A 24 15.39 -12.07 8.87
N GLN A 25 16.02 -13.20 9.10
CA GLN A 25 16.06 -13.90 10.36
C GLN A 25 17.31 -13.53 11.16
N ASN A 26 17.95 -12.42 10.79
CA ASN A 26 19.05 -11.93 11.60
C ASN A 26 18.55 -11.27 12.87
N PRO A 27 19.00 -11.75 14.03
CA PRO A 27 18.60 -11.23 15.31
C PRO A 27 19.02 -9.80 15.55
N LYS A 28 20.00 -9.30 14.80
CA LYS A 28 20.44 -7.92 14.94
C LYS A 28 19.37 -6.97 14.40
N LEU A 29 18.55 -7.44 13.46
CA LEU A 29 17.49 -6.64 12.89
C LEU A 29 16.39 -6.30 13.89
N ALA A 30 16.14 -7.15 14.88
CA ALA A 30 15.07 -6.89 15.83
C ALA A 30 13.72 -6.73 15.14
N LEU A 31 13.37 -7.65 14.23
CA LEU A 31 12.10 -7.56 13.52
C LEU A 31 10.93 -7.93 14.44
N LYS A 32 9.91 -7.08 14.48
CA LYS A 32 8.77 -7.34 15.36
C LYS A 32 7.68 -8.01 14.53
N ASN A 33 6.86 -8.82 15.15
CA ASN A 33 5.80 -9.55 14.53
C ASN A 33 4.72 -8.79 13.81
N SER A 34 4.51 -7.52 14.03
CA SER A 34 3.35 -6.84 13.50
C SER A 34 3.36 -6.72 11.99
N PRO A 35 2.15 -6.71 11.44
CA PRO A 35 1.99 -6.43 10.00
C PRO A 35 2.51 -5.02 9.71
N PRO A 36 3.31 -4.84 8.67
CA PRO A 36 3.68 -5.90 7.76
C PRO A 36 4.92 -6.66 8.22
N TYR A 37 4.84 -7.98 8.24
CA TYR A 37 5.91 -8.86 8.70
C TYR A 37 6.41 -9.76 7.59
N ILE A 38 7.56 -9.38 7.05
CA ILE A 38 8.20 -10.09 5.95
C ILE A 38 8.41 -11.57 6.20
N LEU A 39 8.58 -11.98 7.47
CA LEU A 39 8.71 -13.39 7.79
C LEU A 39 7.41 -14.17 7.62
N ASP A 40 6.24 -13.55 7.62
CA ASP A 40 4.99 -14.24 7.27
C ASP A 40 4.65 -14.03 5.79
N LEU A 41 5.05 -12.88 5.24
CA LEU A 41 4.64 -12.51 3.91
C LEU A 41 5.21 -13.38 2.82
N LEU A 42 6.50 -13.68 2.87
CA LEU A 42 7.14 -14.42 1.77
C LEU A 42 6.59 -15.84 1.73
N PRO A 43 6.52 -16.49 2.89
CA PRO A 43 5.95 -17.81 3.03
C PRO A 43 4.50 -17.86 2.57
N ASP A 44 3.73 -16.85 2.99
CA ASP A 44 2.36 -16.75 2.51
C ASP A 44 2.23 -16.55 1.01
N THR A 45 3.15 -15.87 0.38
CA THR A 45 3.12 -15.58 -1.05
C THR A 45 3.40 -16.86 -1.82
N TYR A 46 4.39 -17.60 -1.30
CA TYR A 46 4.69 -18.92 -1.89
C TYR A 46 3.45 -19.82 -1.85
N GLN A 47 2.78 -19.81 -0.68
CA GLN A 47 1.60 -20.61 -0.48
C GLN A 47 0.49 -20.27 -1.45
N HIS A 48 0.23 -18.99 -1.70
CA HIS A 48 -0.78 -18.62 -2.67
C HIS A 48 -0.33 -18.91 -4.10
N LEU A 49 0.99 -18.83 -4.36
CA LEU A 49 1.53 -19.27 -5.64
C LEU A 49 1.41 -20.79 -5.75
N ARG A 50 1.66 -21.53 -4.67
CA ARG A 50 1.37 -22.98 -4.74
C ARG A 50 -0.08 -23.16 -5.18
N THR A 51 -1.01 -22.50 -4.49
CA THR A 51 -2.42 -22.61 -4.80
C THR A 51 -2.75 -22.37 -6.26
N ILE A 52 -2.22 -21.31 -6.86
CA ILE A 52 -2.47 -20.97 -8.25
C ILE A 52 -2.01 -22.08 -9.19
N LEU A 53 -0.75 -22.46 -9.03
CA LEU A 53 -0.20 -23.57 -9.81
C LEU A 53 -1.05 -24.80 -9.73
N SER A 54 -1.46 -25.16 -8.52
CA SER A 54 -2.30 -26.32 -8.27
C SER A 54 -3.62 -26.27 -9.00
N ARG A 55 -4.23 -25.10 -9.18
CA ARG A 55 -5.52 -25.06 -9.85
C ARG A 55 -5.36 -24.92 -11.36
N TYR A 56 -4.12 -24.68 -11.82
CA TYR A 56 -3.80 -24.58 -13.23
C TYR A 56 -3.03 -25.81 -13.66
N GLU A 57 -3.14 -26.86 -12.84
CA GLU A 57 -2.68 -28.20 -13.20
C GLU A 57 -3.21 -28.54 -14.59
N GLY A 58 -2.30 -28.63 -15.57
CA GLY A 58 -2.73 -28.93 -16.95
C GLY A 58 -2.63 -27.66 -17.81
N LYS A 59 -3.48 -26.68 -17.48
CA LYS A 59 -3.56 -25.39 -18.10
C LYS A 59 -2.46 -24.41 -17.76
N MET A 60 -1.20 -24.84 -17.70
CA MET A 60 -0.10 -23.98 -17.35
C MET A 60 0.19 -22.96 -18.45
N GLU A 61 -0.15 -23.37 -19.67
CA GLU A 61 0.08 -22.51 -20.84
C GLU A 61 -0.85 -21.31 -20.75
N THR A 62 -2.08 -21.54 -20.29
CA THR A 62 -3.02 -20.45 -20.07
C THR A 62 -2.59 -19.46 -18.98
N LEU A 63 -2.14 -20.00 -17.86
CA LEU A 63 -1.66 -19.22 -16.74
C LEU A 63 -0.37 -18.49 -17.09
N GLY A 64 0.53 -19.19 -17.78
CA GLY A 64 1.87 -18.69 -18.05
C GLY A 64 1.83 -17.46 -18.95
N GLU A 65 0.76 -17.38 -19.73
CA GLU A 65 0.58 -16.34 -20.70
C GLU A 65 -0.35 -15.24 -20.21
N ASN A 66 -1.16 -15.49 -19.19
CA ASN A 66 -1.96 -14.44 -18.55
C ASN A 66 -1.13 -13.18 -18.30
N GLU A 67 -1.69 -12.01 -18.64
CA GLU A 67 -0.95 -10.76 -18.66
C GLU A 67 -0.59 -10.30 -17.24
N TYR A 68 -1.62 -10.26 -16.38
CA TYR A 68 -1.43 -9.88 -15.00
C TYR A 68 -0.41 -10.77 -14.31
N PHE A 69 -0.48 -12.07 -14.58
CA PHE A 69 0.38 -13.01 -13.86
C PHE A 69 1.83 -12.83 -14.23
N ARG A 70 2.09 -12.53 -15.51
CA ARG A 70 3.42 -12.23 -16.00
C ARG A 70 3.96 -10.93 -15.37
N VAL A 71 3.11 -9.89 -15.36
CA VAL A 71 3.58 -8.66 -14.71
C VAL A 71 3.81 -8.90 -13.22
N PHE A 72 2.91 -9.67 -12.57
CA PHE A 72 3.06 -9.94 -11.15
C PHE A 72 4.42 -10.60 -10.90
N MET A 73 4.66 -11.67 -11.66
CA MET A 73 5.84 -12.48 -11.37
C MET A 73 7.11 -11.67 -11.48
N GLU A 74 7.16 -10.77 -12.48
CA GLU A 74 8.26 -9.86 -12.65
C GLU A 74 8.43 -8.90 -11.49
N ASN A 75 7.38 -8.27 -11.03
CA ASN A 75 7.37 -7.42 -9.85
C ASN A 75 7.94 -8.18 -8.64
N LEU A 76 7.47 -9.41 -8.43
CA LEU A 76 7.86 -10.22 -7.29
C LEU A 76 9.34 -10.54 -7.35
N MET A 77 9.78 -10.98 -8.52
CA MET A 77 11.21 -11.23 -8.76
C MET A 77 12.06 -9.98 -8.63
N LYS A 78 11.62 -8.82 -9.10
CA LYS A 78 12.43 -7.60 -9.04
C LYS A 78 12.62 -7.11 -7.60
N LYS A 79 11.50 -7.12 -6.86
CA LYS A 79 11.48 -6.69 -5.48
C LYS A 79 12.28 -7.59 -4.57
N THR A 80 12.25 -8.91 -4.77
CA THR A 80 13.08 -9.79 -3.95
C THR A 80 14.54 -9.63 -4.30
N LYS A 81 14.88 -9.23 -5.53
CA LYS A 81 16.25 -8.89 -5.88
C LYS A 81 16.69 -7.57 -5.25
N GLN A 82 15.82 -6.56 -5.26
CA GLN A 82 16.13 -5.30 -4.59
C GLN A 82 16.43 -5.51 -3.10
N THR A 83 15.67 -6.35 -2.42
CA THR A 83 15.90 -6.65 -1.02
C THR A 83 17.21 -7.34 -0.76
N ILE A 84 17.63 -8.23 -1.66
CA ILE A 84 18.94 -8.89 -1.52
C ILE A 84 20.06 -7.90 -1.82
N SER A 85 19.82 -6.96 -2.75
CA SER A 85 20.84 -5.94 -3.01
C SER A 85 20.99 -5.03 -1.78
N LEU A 86 19.85 -4.63 -1.26
CA LEU A 86 19.80 -3.78 -0.08
C LEU A 86 20.60 -4.33 1.08
N PHE A 87 20.42 -5.59 1.46
CA PHE A 87 21.28 -6.17 2.49
C PHE A 87 22.74 -6.08 2.10
N LYS A 88 23.12 -6.65 0.96
CA LYS A 88 24.49 -6.73 0.54
C LYS A 88 25.16 -5.37 0.42
N GLU A 89 24.45 -4.43 -0.17
CA GLU A 89 25.03 -3.10 -0.39
C GLU A 89 24.83 -2.22 0.80
N GLY A 90 24.27 -2.75 1.91
CA GLY A 90 24.09 -2.06 3.16
C GLY A 90 24.99 -2.56 4.28
N LYS A 91 25.67 -3.67 4.05
CA LYS A 91 26.65 -4.21 4.98
C LYS A 91 26.18 -4.11 6.40
N GLU A 92 26.56 -3.11 7.22
CA GLU A 92 26.11 -3.11 8.60
C GLU A 92 25.22 -1.98 9.03
N ARG A 93 24.76 -1.15 8.12
CA ARG A 93 23.76 -0.11 8.46
C ARG A 93 22.35 -0.66 8.45
N MET A 94 22.19 -1.92 7.99
CA MET A 94 20.90 -2.59 8.12
C MET A 94 20.50 -2.66 9.60
N TYR A 95 21.46 -2.89 10.47
CA TYR A 95 21.16 -3.03 11.89
C TYR A 95 20.90 -1.78 12.66
N GLU A 96 21.50 -0.63 12.32
CA GLU A 96 21.10 0.60 13.00
C GLU A 96 19.74 1.09 12.49
N GLU A 97 18.72 0.84 13.29
CA GLU A 97 17.39 1.42 13.05
C GLU A 97 17.51 2.94 12.93
N ASN A 98 16.68 3.50 12.07
CA ASN A 98 16.72 4.89 11.67
C ASN A 98 17.94 5.22 10.83
N SER A 99 18.64 4.17 10.35
CA SER A 99 19.51 4.27 9.19
C SER A 99 18.63 4.19 7.93
N GLN A 100 19.13 4.69 6.80
CA GLN A 100 18.32 4.69 5.61
C GLN A 100 18.06 3.31 5.03
N PRO A 101 19.07 2.47 5.02
CA PRO A 101 18.96 1.10 4.57
C PRO A 101 17.82 0.38 5.30
N ARG A 102 17.75 0.58 6.61
CA ARG A 102 16.73 0.01 7.45
C ARG A 102 15.34 0.54 7.16
N ARG A 103 15.17 1.84 6.90
CA ARG A 103 13.88 2.35 6.48
C ARG A 103 13.48 1.72 5.15
N ASN A 104 14.45 1.48 4.28
CA ASN A 104 14.21 0.89 2.99
C ASN A 104 13.71 -0.55 3.06
N LEU A 105 14.11 -1.31 4.07
CA LEU A 105 13.62 -2.66 4.28
C LEU A 105 12.18 -2.67 4.82
N THR A 106 11.78 -1.60 5.48
CA THR A 106 10.43 -1.51 6.04
C THR A 106 9.47 -1.22 4.89
N LYS A 107 9.93 -0.35 3.98
CA LYS A 107 9.16 0.05 2.83
C LYS A 107 8.92 -1.12 1.87
N LEU A 108 9.94 -1.95 1.71
CA LEU A 108 9.84 -3.18 0.94
C LEU A 108 8.83 -4.14 1.57
N SER A 109 8.89 -4.22 2.91
CA SER A 109 7.98 -5.03 3.68
C SER A 109 6.55 -4.71 3.31
N LEU A 110 6.23 -3.45 3.36
CA LEU A 110 4.94 -2.87 2.97
C LEU A 110 4.61 -3.21 1.53
N ILE A 111 5.56 -3.06 0.61
CA ILE A 111 5.39 -3.43 -0.78
C ILE A 111 5.08 -4.92 -0.96
N PHE A 112 5.73 -5.77 -0.20
CA PHE A 112 5.48 -7.19 -0.20
C PHE A 112 4.08 -7.50 0.34
N SER A 113 3.63 -6.67 1.29
CA SER A 113 2.25 -6.77 1.73
C SER A 113 1.26 -6.35 0.66
N HIS A 114 1.45 -5.25 -0.01
CA HIS A 114 0.58 -4.74 -1.05
C HIS A 114 0.49 -5.68 -2.27
N MET A 115 1.60 -6.28 -2.64
CA MET A 115 1.64 -7.25 -3.71
C MET A 115 0.83 -8.49 -3.36
N LEU A 116 1.04 -9.02 -2.15
CA LEU A 116 0.28 -10.23 -1.77
C LEU A 116 -1.19 -9.94 -1.79
N ALA A 117 -1.61 -8.81 -1.23
CA ALA A 117 -3.00 -8.36 -1.28
C ALA A 117 -3.51 -8.27 -2.71
N GLU A 118 -2.76 -7.69 -3.65
CA GLU A 118 -3.20 -7.57 -5.04
C GLU A 118 -3.39 -8.94 -5.67
N LEU A 119 -2.48 -9.87 -5.42
CA LEU A 119 -2.50 -11.21 -5.99
C LEU A 119 -3.69 -12.03 -5.51
N LYS A 120 -4.04 -11.88 -4.24
CA LYS A 120 -5.23 -12.46 -3.69
C LYS A 120 -6.48 -11.76 -4.18
N GLY A 121 -6.48 -10.45 -4.38
CA GLY A 121 -7.68 -9.83 -4.99
C GLY A 121 -7.88 -10.37 -6.42
N ILE A 122 -6.82 -10.55 -7.20
CA ILE A 122 -6.95 -10.89 -8.61
C ILE A 122 -7.14 -12.39 -8.77
N PHE A 123 -6.53 -13.17 -7.90
CA PHE A 123 -6.63 -14.62 -7.90
C PHE A 123 -7.21 -15.17 -6.61
N PRO A 124 -8.42 -14.78 -6.23
CA PRO A 124 -9.04 -15.32 -5.02
C PRO A 124 -9.22 -16.83 -5.19
N SER A 125 -8.74 -17.62 -4.25
CA SER A 125 -8.85 -19.06 -4.41
C SER A 125 -8.01 -19.67 -5.50
N GLY A 126 -7.00 -18.99 -6.03
CA GLY A 126 -6.05 -19.59 -6.93
C GLY A 126 -6.46 -19.46 -8.38
N LEU A 127 -7.66 -18.94 -8.63
CA LEU A 127 -8.18 -18.78 -9.98
C LEU A 127 -8.24 -17.31 -10.42
N PHE A 128 -7.83 -17.05 -11.66
CA PHE A 128 -7.82 -15.73 -12.21
C PHE A 128 -9.22 -15.17 -12.39
N GLN A 129 -9.59 -14.13 -11.67
CA GLN A 129 -10.76 -13.36 -11.98
C GLN A 129 -10.47 -11.85 -11.98
N GLY A 130 -9.40 -11.50 -12.67
CA GLY A 130 -9.14 -10.06 -12.77
C GLY A 130 -10.25 -9.44 -13.61
N ASP A 131 -10.77 -10.22 -14.56
CA ASP A 131 -11.70 -9.69 -15.53
C ASP A 131 -13.08 -9.41 -15.01
N THR A 132 -13.41 -9.87 -13.83
CA THR A 132 -14.64 -9.58 -13.14
C THR A 132 -14.49 -8.85 -11.82
N PHE A 133 -13.25 -8.51 -11.45
CA PHE A 133 -12.99 -7.70 -10.27
C PHE A 133 -14.05 -6.64 -10.01
N ARG A 134 -14.49 -6.46 -8.76
CA ARG A 134 -15.48 -5.40 -8.51
C ARG A 134 -14.77 -4.17 -7.92
N ILE A 135 -14.78 -3.07 -8.63
CA ILE A 135 -14.43 -1.75 -8.23
C ILE A 135 -15.57 -1.23 -7.37
N THR A 136 -15.18 -0.77 -6.22
CA THR A 136 -16.03 -0.53 -5.06
C THR A 136 -16.87 0.70 -5.14
N LYS A 137 -16.42 1.75 -5.81
CA LYS A 137 -17.27 2.96 -6.00
C LYS A 137 -17.84 2.89 -7.42
N ALA A 138 -19.13 3.05 -7.65
CA ALA A 138 -19.72 2.89 -8.97
C ALA A 138 -19.19 3.81 -10.05
N ASP A 139 -19.03 5.09 -9.86
CA ASP A 139 -18.43 6.02 -10.81
C ASP A 139 -17.03 5.56 -11.27
N ALA A 140 -16.21 5.23 -10.27
CA ALA A 140 -14.86 4.74 -10.57
C ALA A 140 -14.95 3.46 -11.38
N ALA A 141 -16.00 2.65 -11.12
CA ALA A 141 -16.17 1.42 -11.87
C ALA A 141 -16.41 1.73 -13.36
N GLU A 142 -17.26 2.71 -13.62
CA GLU A 142 -17.61 3.16 -14.93
C GLU A 142 -16.39 3.72 -15.66
N PHE A 143 -15.65 4.61 -14.99
CA PHE A 143 -14.43 5.05 -15.57
C PHE A 143 -13.57 3.90 -16.07
N TRP A 144 -13.26 2.92 -15.22
CA TRP A 144 -12.31 1.88 -15.65
C TRP A 144 -12.84 1.13 -16.87
N ARG A 145 -14.15 0.82 -16.83
CA ARG A 145 -14.78 -0.02 -17.82
C ARG A 145 -14.80 0.72 -19.18
N LYS A 146 -15.10 2.00 -19.12
CA LYS A 146 -15.14 2.83 -20.34
C LYS A 146 -13.72 2.97 -20.88
N ALA A 147 -12.73 3.08 -19.97
CA ALA A 147 -11.39 3.35 -20.47
C ALA A 147 -10.70 2.07 -20.89
N PHE A 148 -10.82 1.00 -20.09
CA PHE A 148 -9.91 -0.14 -20.32
C PHE A 148 -10.69 -1.42 -20.50
N GLY A 149 -12.01 -1.35 -20.33
CA GLY A 149 -12.86 -2.51 -20.40
C GLY A 149 -12.71 -3.45 -19.21
N GLU A 150 -12.26 -4.67 -19.46
CA GLU A 150 -12.09 -5.66 -18.40
C GLU A 150 -10.61 -6.00 -18.17
N LYS A 151 -9.73 -5.15 -18.66
CA LYS A 151 -8.30 -5.31 -18.41
C LYS A 151 -8.00 -5.33 -16.92
N THR A 152 -6.95 -6.08 -16.56
CA THR A 152 -6.64 -6.19 -15.13
C THR A 152 -5.59 -5.19 -14.73
N ILE A 153 -4.72 -4.85 -15.68
CA ILE A 153 -3.49 -4.09 -15.43
C ILE A 153 -3.02 -3.30 -16.64
N VAL A 154 -2.75 -2.00 -16.39
CA VAL A 154 -2.39 -1.06 -17.42
C VAL A 154 -1.18 -0.26 -17.07
N PRO A 155 -0.27 -0.04 -18.04
CA PRO A 155 0.91 0.77 -17.85
C PRO A 155 0.54 2.16 -17.36
N TRP A 156 1.42 2.76 -16.55
CA TRP A 156 1.19 4.07 -15.98
C TRP A 156 0.82 5.11 -17.01
N LYS A 157 1.56 5.16 -18.12
CA LYS A 157 1.37 6.17 -19.14
C LYS A 157 -0.09 6.19 -19.63
N SER A 158 -0.53 5.00 -19.99
CA SER A 158 -1.88 4.79 -20.49
C SER A 158 -2.93 5.08 -19.43
N PHE A 159 -2.63 4.76 -18.16
CA PHE A 159 -3.49 5.14 -17.08
C PHE A 159 -3.55 6.65 -16.90
N ARG A 160 -2.42 7.33 -16.86
CA ARG A 160 -2.37 8.77 -16.69
C ARG A 160 -3.12 9.53 -17.76
N GLN A 161 -2.97 9.21 -19.03
CA GLN A 161 -3.71 9.85 -20.10
C GLN A 161 -5.20 9.55 -20.03
N ALA A 162 -5.58 8.33 -19.61
CA ALA A 162 -7.03 8.09 -19.42
C ALA A 162 -7.57 8.94 -18.28
N LEU A 163 -6.83 8.97 -17.15
CA LEU A 163 -7.32 9.73 -16.01
C LEU A 163 -7.42 11.20 -16.36
N HIS A 164 -6.34 11.67 -17.01
CA HIS A 164 -6.20 13.04 -17.42
C HIS A 164 -7.34 13.58 -18.26
N GLU A 165 -8.00 12.79 -19.10
CA GLU A 165 -9.17 13.27 -19.81
C GLU A 165 -10.34 13.63 -18.91
N VAL A 166 -10.47 12.99 -17.75
CA VAL A 166 -11.64 13.20 -16.88
C VAL A 166 -11.24 14.02 -15.66
N HIS A 167 -10.05 13.76 -15.14
CA HIS A 167 -9.61 14.52 -13.94
C HIS A 167 -8.23 15.12 -14.23
N PRO A 168 -8.18 16.29 -14.79
CA PRO A 168 -6.93 16.85 -15.32
C PRO A 168 -5.88 16.96 -14.26
N ILE A 169 -4.70 16.47 -14.55
CA ILE A 169 -3.53 16.57 -13.70
C ILE A 169 -2.75 17.85 -14.04
N SER A 170 -2.42 18.62 -13.01
CA SER A 170 -1.85 19.93 -13.18
C SER A 170 -0.48 19.98 -13.80
N SER A 171 0.38 18.98 -13.61
CA SER A 171 1.80 19.20 -13.95
C SER A 171 2.52 17.85 -13.94
N GLY A 172 3.80 17.89 -14.29
CA GLY A 172 4.62 16.69 -14.23
C GLY A 172 4.81 16.29 -12.75
N LEU A 173 5.09 17.24 -11.87
CA LEU A 173 5.39 16.96 -10.48
C LEU A 173 4.16 16.41 -9.74
N GLU A 174 2.98 16.94 -10.05
CA GLU A 174 1.75 16.39 -9.52
C GLU A 174 1.50 14.98 -10.03
N ALA A 175 1.83 14.70 -11.28
CA ALA A 175 1.67 13.39 -11.84
C ALA A 175 2.61 12.38 -11.17
N MET A 176 3.83 12.76 -10.87
CA MET A 176 4.74 11.89 -10.16
C MET A 176 4.30 11.66 -8.71
N ALA A 177 3.68 12.66 -8.08
CA ALA A 177 3.17 12.48 -6.72
C ALA A 177 2.03 11.44 -6.78
N LEU A 178 1.24 11.53 -7.82
CA LEU A 178 0.04 10.74 -8.02
C LEU A 178 0.40 9.27 -8.21
N LYS A 179 1.34 9.08 -9.13
CA LYS A 179 1.97 7.79 -9.34
C LYS A 179 2.47 7.12 -8.07
N SER A 180 3.25 7.81 -7.21
CA SER A 180 3.75 7.15 -6.02
C SER A 180 2.63 6.73 -5.05
N THR A 181 1.60 7.51 -4.87
CA THR A 181 0.42 7.18 -4.14
C THR A 181 -0.35 5.97 -4.63
N ILE A 182 -0.67 5.90 -5.93
CA ILE A 182 -1.52 4.87 -6.47
C ILE A 182 -0.71 3.57 -6.61
N ASP A 183 0.53 3.72 -7.11
CA ASP A 183 1.29 2.55 -7.54
C ASP A 183 1.88 1.80 -6.37
N LEU A 184 1.02 1.16 -5.57
CA LEU A 184 1.36 0.57 -4.28
C LEU A 184 2.41 -0.53 -4.38
N THR A 185 2.47 -1.22 -5.51
CA THR A 185 3.41 -2.31 -5.73
C THR A 185 4.69 -1.80 -6.40
N CYS A 186 4.73 -0.49 -6.58
CA CYS A 186 5.83 0.22 -7.25
C CYS A 186 6.39 -0.50 -8.45
N ASN A 187 5.61 -0.71 -9.51
CA ASN A 187 6.13 -1.36 -10.70
C ASN A 187 5.74 -0.64 -11.99
N ASP A 188 5.30 0.61 -11.95
CA ASP A 188 4.85 1.37 -13.07
C ASP A 188 3.67 0.76 -13.84
N TYR A 189 2.95 -0.14 -13.22
CA TYR A 189 1.66 -0.62 -13.69
C TYR A 189 0.57 -0.29 -12.68
N ILE A 190 -0.59 0.11 -13.16
CA ILE A 190 -1.72 0.36 -12.29
C ILE A 190 -2.72 -0.78 -12.49
N SER A 191 -2.91 -1.55 -11.39
CA SER A 191 -3.92 -2.60 -11.45
C SER A 191 -5.31 -2.03 -11.18
N VAL A 192 -6.30 -2.79 -11.62
CA VAL A 192 -7.68 -2.59 -11.25
C VAL A 192 -7.82 -2.66 -9.74
N PHE A 193 -6.98 -3.45 -9.08
CA PHE A 193 -6.92 -3.57 -7.64
C PHE A 193 -6.35 -2.29 -7.00
N GLU A 194 -5.23 -1.77 -7.51
CA GLU A 194 -4.68 -0.52 -6.98
C GLU A 194 -5.59 0.67 -7.28
N PHE A 195 -6.26 0.61 -8.44
CA PHE A 195 -7.22 1.67 -8.77
C PHE A 195 -8.38 1.72 -7.79
N ASP A 196 -8.95 0.54 -7.48
CA ASP A 196 -9.93 0.37 -6.47
C ASP A 196 -9.49 0.93 -5.12
N ILE A 197 -8.29 0.58 -4.68
CA ILE A 197 -7.78 1.15 -3.44
C ILE A 197 -7.73 2.65 -3.43
N PHE A 198 -7.13 3.25 -4.45
CA PHE A 198 -7.02 4.70 -4.56
C PHE A 198 -8.35 5.42 -4.61
N THR A 199 -9.33 5.01 -5.41
CA THR A 199 -10.63 5.67 -5.47
C THR A 199 -11.49 5.39 -4.26
N ARG A 200 -11.28 4.31 -3.51
CA ARG A 200 -11.97 4.18 -2.22
C ARG A 200 -11.41 5.14 -1.20
N LEU A 201 -10.10 5.25 -1.08
CA LEU A 201 -9.44 6.18 -0.18
C LEU A 201 -9.74 7.64 -0.44
N PHE A 202 -9.79 8.06 -1.71
CA PHE A 202 -9.94 9.46 -2.05
C PHE A 202 -11.28 9.79 -2.69
N GLN A 203 -12.32 9.06 -2.30
CA GLN A 203 -13.67 9.32 -2.84
C GLN A 203 -14.15 10.62 -2.20
N PRO A 204 -15.18 11.26 -2.72
CA PRO A 204 -15.90 10.87 -3.88
C PRO A 204 -15.19 11.13 -5.22
N TRP A 205 -15.51 10.32 -6.20
CA TRP A 205 -14.94 10.36 -7.53
C TRP A 205 -15.09 11.71 -8.18
N SER A 206 -16.16 12.44 -7.88
CA SER A 206 -16.40 13.68 -8.62
C SER A 206 -15.43 14.76 -8.26
N SER A 207 -14.57 14.64 -7.24
CA SER A 207 -13.57 15.65 -6.92
C SER A 207 -12.23 14.97 -6.59
N LEU A 208 -12.08 13.78 -7.14
CA LEU A 208 -11.01 12.87 -6.79
C LEU A 208 -9.71 13.58 -6.48
N LEU A 209 -9.08 14.23 -7.46
CA LEU A 209 -7.78 14.84 -7.30
C LEU A 209 -7.71 16.05 -6.42
N ARG A 210 -8.81 16.75 -6.18
CA ARG A 210 -8.85 17.80 -5.18
C ARG A 210 -8.81 17.14 -3.79
N ASN A 211 -9.54 16.03 -3.65
CA ASN A 211 -9.57 15.29 -2.38
C ASN A 211 -8.16 14.79 -2.08
N TRP A 212 -7.51 14.29 -3.13
CA TRP A 212 -6.14 13.78 -2.91
C TRP A 212 -5.18 14.92 -2.68
N ASN A 213 -5.51 16.09 -3.22
CA ASN A 213 -4.67 17.26 -2.95
C ASN A 213 -4.73 17.69 -1.49
N SER A 214 -5.91 17.81 -0.91
CA SER A 214 -6.09 18.28 0.44
C SER A 214 -5.65 17.34 1.56
N LEU A 215 -5.78 16.04 1.38
CA LEU A 215 -5.55 15.05 2.39
C LEU A 215 -4.15 14.46 2.33
N ALA A 216 -3.53 14.52 1.16
CA ALA A 216 -2.20 13.95 0.98
C ALA A 216 -1.16 14.94 0.49
N VAL A 217 -1.40 15.63 -0.63
CA VAL A 217 -0.34 16.45 -1.23
C VAL A 217 0.02 17.63 -0.38
N THR A 218 -0.94 18.27 0.29
CA THR A 218 -0.68 19.52 0.99
C THR A 218 -0.91 19.38 2.49
N HIS A 219 -1.26 18.18 2.95
CA HIS A 219 -1.47 17.91 4.40
C HIS A 219 -0.27 17.38 5.13
N PRO A 220 0.20 18.07 6.17
CA PRO A 220 1.29 17.64 7.01
C PRO A 220 1.03 16.43 7.88
N GLY A 221 -0.21 15.93 7.94
CA GLY A 221 -0.51 14.73 8.74
C GLY A 221 -0.44 13.46 7.90
N TYR A 222 -0.55 13.56 6.57
CA TYR A 222 -0.51 12.37 5.73
C TYR A 222 0.84 11.71 5.78
N MET A 223 0.93 10.38 5.85
CA MET A 223 2.25 9.73 5.87
C MET A 223 2.27 8.54 4.91
N ALA A 224 3.01 8.69 3.80
CA ALA A 224 3.09 7.79 2.72
C ALA A 224 3.46 6.38 3.02
N PHE A 225 4.67 5.85 3.12
CA PHE A 225 4.55 4.27 3.09
C PHE A 225 4.88 3.96 4.54
N LEU A 226 4.02 4.36 5.48
CA LEU A 226 4.34 4.12 6.91
C LEU A 226 3.55 2.97 7.50
N THR A 227 4.16 2.23 8.44
CA THR A 227 3.48 1.16 9.13
C THR A 227 2.95 1.60 10.51
N TYR A 228 2.16 0.74 11.10
CA TYR A 228 1.59 0.95 12.44
C TYR A 228 2.71 1.23 13.42
N ASP A 229 3.75 0.39 13.45
CA ASP A 229 4.84 0.56 14.38
C ASP A 229 5.61 1.85 14.08
N GLU A 230 5.68 2.28 12.81
CA GLU A 230 6.37 3.52 12.52
C GLU A 230 5.55 4.71 13.01
N VAL A 231 4.24 4.63 12.90
CA VAL A 231 3.38 5.75 13.36
C VAL A 231 3.54 5.88 14.88
N LYS A 232 3.44 4.76 15.60
CA LYS A 232 3.57 4.79 17.04
C LYS A 232 4.92 5.44 17.41
N ALA A 233 6.00 5.01 16.76
CA ALA A 233 7.33 5.47 17.02
C ALA A 233 7.51 6.97 16.73
N ARG A 234 6.85 7.43 15.68
CA ARG A 234 6.92 8.80 15.25
C ARG A 234 6.20 9.75 16.18
N LEU A 235 5.15 9.27 16.82
CA LEU A 235 4.34 10.09 17.71
C LEU A 235 4.98 10.18 19.08
N GLN A 236 5.94 9.32 19.43
CA GLN A 236 6.52 9.32 20.76
C GLN A 236 7.02 10.71 21.18
N LYS A 237 7.62 11.45 20.23
CA LYS A 237 8.24 12.73 20.60
C LYS A 237 7.17 13.73 20.99
N PHE A 238 5.91 13.44 20.66
CA PHE A 238 4.79 14.33 20.95
C PHE A 238 3.97 13.73 22.10
N ILE A 239 4.59 12.77 22.80
CA ILE A 239 3.83 12.10 23.89
C ILE A 239 3.25 13.14 24.83
N HIS A 240 3.94 14.26 25.11
CA HIS A 240 3.41 15.26 25.99
C HIS A 240 2.59 16.31 25.31
N LYS A 241 2.26 16.16 24.04
CA LYS A 241 1.44 17.14 23.33
C LYS A 241 0.17 16.46 22.81
N PRO A 242 -0.80 16.27 23.71
CA PRO A 242 -2.07 15.65 23.38
C PRO A 242 -2.74 16.40 22.22
N GLY A 243 -3.26 15.62 21.29
CA GLY A 243 -3.87 16.19 20.07
C GLY A 243 -2.98 16.07 18.84
N SER A 244 -1.75 15.63 19.03
CA SER A 244 -0.82 15.49 17.88
C SER A 244 -1.32 14.25 17.11
N TYR A 245 -1.39 14.30 15.78
CA TYR A 245 -1.91 13.19 15.03
C TYR A 245 -1.30 13.03 13.63
N ILE A 246 -1.30 11.78 13.16
CA ILE A 246 -0.85 11.49 11.80
C ILE A 246 -1.80 10.43 11.22
N PHE A 247 -1.89 10.34 9.88
CA PHE A 247 -2.74 9.31 9.27
C PHE A 247 -2.03 8.72 8.05
N ARG A 248 -2.51 7.58 7.57
CA ARG A 248 -1.83 6.77 6.57
C ARG A 248 -2.78 5.72 5.99
N LEU A 249 -2.29 4.94 5.02
CA LEU A 249 -3.09 3.77 4.57
C LEU A 249 -2.95 2.66 5.64
N SER A 250 -4.03 2.02 6.02
CA SER A 250 -3.98 0.75 6.75
C SER A 250 -3.38 -0.34 5.85
N CYS A 251 -2.43 -1.09 6.35
CA CYS A 251 -1.77 -2.15 5.56
C CYS A 251 -2.60 -3.43 5.59
N THR A 252 -3.37 -3.69 6.64
CA THR A 252 -4.14 -4.93 6.70
C THR A 252 -5.57 -4.74 6.23
N ARG A 253 -6.07 -3.53 6.13
CA ARG A 253 -7.39 -3.27 5.57
C ARG A 253 -7.25 -2.28 4.40
N LEU A 254 -6.47 -2.64 3.41
CA LEU A 254 -6.20 -1.80 2.24
C LEU A 254 -7.48 -1.17 1.69
N GLY A 255 -7.49 0.14 1.49
CA GLY A 255 -8.64 0.88 1.03
C GLY A 255 -9.22 1.75 2.15
N GLN A 256 -8.86 1.45 3.38
CA GLN A 256 -9.26 2.16 4.58
C GLN A 256 -8.15 2.97 5.24
N TRP A 257 -8.50 4.06 5.91
CA TRP A 257 -7.55 4.94 6.60
C TRP A 257 -7.33 4.54 8.06
N ALA A 258 -6.13 4.76 8.57
CA ALA A 258 -5.78 4.51 9.96
C ALA A 258 -5.25 5.81 10.61
N ILE A 259 -5.91 6.33 11.63
CA ILE A 259 -5.39 7.59 12.22
C ILE A 259 -4.65 7.29 13.50
N GLY A 260 -3.44 7.84 13.67
CA GLY A 260 -2.72 7.71 14.93
C GLY A 260 -2.77 9.05 15.69
N TYR A 261 -2.94 9.01 17.01
CA TYR A 261 -3.08 10.19 17.83
C TYR A 261 -2.66 10.04 19.28
N VAL A 262 -2.10 11.13 19.85
CA VAL A 262 -1.70 11.12 21.28
C VAL A 262 -2.87 11.66 22.11
N THR A 263 -3.28 10.87 23.08
CA THR A 263 -4.40 11.20 23.93
C THR A 263 -4.00 12.13 25.05
N ALA A 264 -5.00 12.59 25.76
CA ALA A 264 -4.71 13.46 26.94
C ALA A 264 -4.28 12.66 28.15
N ASP A 265 -4.37 11.33 28.14
CA ASP A 265 -3.94 10.52 29.28
C ASP A 265 -2.62 9.78 29.09
N GLY A 266 -1.85 10.17 28.07
CA GLY A 266 -0.53 9.57 27.90
C GLY A 266 -0.53 8.31 27.06
N ASN A 267 -1.55 8.10 26.21
CA ASN A 267 -1.57 6.96 25.34
C ASN A 267 -1.45 7.39 23.87
N ILE A 268 -0.93 6.47 23.07
CA ILE A 268 -0.91 6.60 21.62
C ILE A 268 -1.86 5.60 21.00
N LEU A 269 -3.00 6.06 20.46
CA LEU A 269 -4.02 5.13 19.97
C LEU A 269 -4.13 5.21 18.45
N GLN A 270 -4.44 4.11 17.79
CA GLN A 270 -4.69 4.05 16.36
C GLN A 270 -6.08 3.51 16.05
N THR A 271 -6.82 4.23 15.21
CA THR A 271 -8.18 3.97 14.85
C THR A 271 -8.27 3.86 13.27
N ILE A 272 -9.34 3.20 12.89
CA ILE A 272 -9.75 3.08 11.48
C ILE A 272 -11.16 3.59 11.33
N PRO A 273 -11.35 4.77 10.77
CA PRO A 273 -12.66 5.41 10.66
C PRO A 273 -13.67 4.57 9.87
N HIS A 274 -14.95 4.59 10.27
CA HIS A 274 -15.98 3.81 9.64
C HIS A 274 -17.24 4.62 9.33
N ASN A 275 -17.89 4.28 8.22
CA ASN A 275 -19.10 4.93 7.79
C ASN A 275 -18.97 6.46 7.78
N LYS A 276 -17.89 6.97 7.28
CA LYS A 276 -17.58 8.37 7.11
C LYS A 276 -16.26 8.50 6.36
N PRO A 277 -16.12 9.47 5.50
CA PRO A 277 -14.87 9.73 4.79
C PRO A 277 -13.81 10.38 5.67
N LEU A 278 -12.54 10.26 5.35
CA LEU A 278 -11.45 10.82 6.14
C LEU A 278 -11.67 12.28 6.49
N PHE A 279 -12.13 13.07 5.51
CA PHE A 279 -12.41 14.47 5.73
C PHE A 279 -13.24 14.72 6.98
N GLN A 280 -14.39 14.04 7.04
CA GLN A 280 -15.32 14.19 8.15
C GLN A 280 -14.75 13.75 9.46
N ALA A 281 -13.96 12.67 9.46
CA ALA A 281 -13.28 12.21 10.67
C ALA A 281 -12.29 13.30 11.12
N LEU A 282 -11.56 13.86 10.14
CA LEU A 282 -10.57 14.87 10.46
C LEU A 282 -11.19 16.13 11.02
N ILE A 283 -12.30 16.58 10.45
CA ILE A 283 -13.01 17.77 10.89
C ILE A 283 -13.61 17.66 12.28
N ASP A 284 -14.27 16.54 12.54
CA ASP A 284 -14.96 16.27 13.77
C ASP A 284 -13.95 16.03 14.91
N GLY A 285 -12.90 15.28 14.58
CA GLY A 285 -11.83 15.06 15.57
C GLY A 285 -11.19 16.39 15.94
N PHE A 286 -11.07 17.34 15.00
CA PHE A 286 -10.48 18.63 15.34
C PHE A 286 -11.38 19.40 16.30
N ARG A 287 -12.65 19.45 15.96
CA ARG A 287 -13.70 20.04 16.74
C ARG A 287 -13.87 19.38 18.10
N GLU A 288 -13.57 18.10 18.26
CA GLU A 288 -13.70 17.47 19.59
C GLU A 288 -12.39 17.41 20.34
N GLY A 289 -11.31 17.96 19.74
CA GLY A 289 -10.07 18.10 20.55
C GLY A 289 -9.15 16.93 20.44
N PHE A 290 -9.42 15.97 19.54
CA PHE A 290 -8.55 14.80 19.40
C PHE A 290 -7.45 14.98 18.38
N TYR A 291 -7.79 15.48 17.19
CA TYR A 291 -6.90 15.62 16.07
C TYR A 291 -6.62 17.13 15.84
N LEU A 292 -5.63 17.65 16.55
CA LEU A 292 -5.34 19.06 16.57
C LEU A 292 -4.08 19.44 15.81
N PHE A 293 -2.97 18.77 16.08
CA PHE A 293 -1.65 19.19 15.59
C PHE A 293 -1.07 18.13 14.69
N PRO A 294 -1.18 18.30 13.38
CA PRO A 294 -0.76 17.27 12.43
C PRO A 294 0.75 17.15 12.43
N ASP A 295 1.26 15.95 12.63
CA ASP A 295 2.69 15.73 12.80
C ASP A 295 3.24 16.65 13.87
N GLY A 296 2.43 16.90 14.92
CA GLY A 296 2.93 17.71 16.04
C GLY A 296 3.04 19.18 15.69
N ARG A 297 2.58 19.58 14.51
CA ARG A 297 2.67 21.01 14.11
C ARG A 297 1.54 21.82 14.68
N ASN A 298 1.71 23.10 14.93
CA ASN A 298 0.77 23.94 15.64
C ASN A 298 -0.38 24.40 14.79
N GLN A 299 -0.25 24.54 13.47
CA GLN A 299 -1.43 24.84 12.66
C GLN A 299 -1.98 23.54 12.07
N ASN A 300 -3.28 23.53 11.86
CA ASN A 300 -3.96 22.43 11.20
C ASN A 300 -4.74 22.95 9.99
N PRO A 301 -4.68 22.26 8.89
CA PRO A 301 -5.41 22.64 7.68
C PRO A 301 -6.91 22.78 7.93
N ASP A 302 -7.55 23.76 7.31
CA ASP A 302 -9.01 23.91 7.43
C ASP A 302 -9.70 23.16 6.30
N LEU A 303 -10.19 21.96 6.59
CA LEU A 303 -10.76 21.06 5.60
C LEU A 303 -12.24 21.32 5.37
N THR A 304 -12.75 22.31 6.09
CA THR A 304 -14.12 22.67 6.12
C THR A 304 -14.62 23.53 4.98
N GLY A 305 -14.02 23.26 3.81
CA GLY A 305 -14.40 23.79 2.52
C GLY A 305 -13.86 22.90 1.41
N SER B 4 -1.94 -9.50 15.01
CA SER B 4 -2.46 -8.25 14.39
C SER B 4 -2.31 -7.05 15.33
N ASP B 5 -2.22 -5.86 14.74
CA ASP B 5 -2.02 -4.62 15.48
C ASP B 5 -3.30 -4.14 16.18
N GLY B 6 -3.16 -3.25 17.16
CA GLY B 6 -4.28 -2.73 17.88
C GLY B 6 -4.96 -1.51 17.29
N PTR B 7 -6.08 -1.71 16.66
CA PTR B 7 -6.95 -0.61 16.23
C PTR B 7 -8.13 -0.51 17.20
O PTR B 7 -8.77 -1.51 17.55
CB PTR B 7 -7.38 -0.79 14.79
CG PTR B 7 -6.24 -0.79 13.77
CD1 PTR B 7 -5.64 0.40 13.37
CD2 PTR B 7 -5.87 -1.94 13.11
CE1 PTR B 7 -4.58 0.42 12.49
CE2 PTR B 7 -4.94 -1.92 12.12
CZ PTR B 7 -4.21 -0.75 11.88
OH PTR B 7 -3.30 -0.73 10.85
P PTR B 7 -2.30 -2.17 10.16
O1P PTR B 7 -2.08 -3.27 11.59
O2P PTR B 7 -1.63 -0.91 9.34
O3P PTR B 7 -4.01 -2.27 9.30
N THR B 8 -8.36 0.66 17.73
CA THR B 8 -9.37 0.93 18.75
C THR B 8 -10.47 1.83 18.19
N PRO B 9 -11.62 1.89 18.85
CA PRO B 9 -12.78 2.63 18.33
C PRO B 9 -12.47 4.12 18.17
N GLU B 10 -13.11 4.82 17.26
CA GLU B 10 -12.82 6.26 17.06
C GLU B 10 -12.86 7.00 18.38
N PRO B 11 -12.15 8.11 18.52
CA PRO B 11 -12.10 8.82 19.79
C PRO B 11 -13.40 9.46 20.22
N ALA B 12 -13.77 9.16 21.45
CA ALA B 12 -14.74 9.59 22.35
C ALA B 12 -15.48 10.86 21.95
CA CA C . 1.43 -1.51 -9.49
#